data_4PR7
#
_entry.id   4PR7
#
_cell.length_a   36.8569
_cell.length_b   59.7311
_cell.length_c   51.5959
_cell.angle_alpha   90.0000
_cell.angle_beta   106.5412
_cell.angle_gamma   90.0000
#
_symmetry.space_group_name_H-M   'P 1 21 1'
#
loop_
_entity.id
_entity.type
_entity.pdbx_description
1 polymer 'Oligogalacturonate-specific porin KdgM'
2 branched 'alpha-D-galactopyranuronic acid-(1-4)-alpha-D-galactopyranuronic acid-(1-4)-alpha-D-galactopyranuronic acid-(1-4)-alpha-D-galactopyranuronic acid-(1-4)-alpha-D-galactopyranuronic acid'
3 non-polymer N-OCTANE
4 non-polymer (HYDROXYETHYLOXY)TRI(ETHYLOXY)OCTANE
5 water water
#
_entity_poly.entity_id   1
_entity_poly.type   'polypeptide(L)'
_entity_poly.pdbx_seq_one_letter_code
;VSIDYRHEMQDTAQAGHKDRLLISHRFANGFGLSSEVKWAQSSADKTPNKPFNEQVSNGTEVVASYVYKFNSVFSIEPGF
SLESGSSNNNYRPYLRGRANVTDDLSVALRYRPYFKRNSGNIGKDNTMDKGYTLTGNIDYTFLKDYTIGYELEYKKGTSG
KTILSDNDDYDITHNVKLSYKWDKNWKPYVEVGNVSGSETTDERQTRYRVGVQYSFHHHHHH
;
_entity_poly.pdbx_strand_id   A
#
# COMPACT_ATOMS: atom_id res chain seq x y z
N VAL A 1 11.44 9.88 -7.04
CA VAL A 1 11.29 8.46 -7.44
C VAL A 1 11.73 7.59 -6.27
N SER A 2 11.01 6.49 -6.04
CA SER A 2 11.41 5.57 -4.97
C SER A 2 11.34 4.11 -5.45
N ILE A 3 12.23 3.29 -4.90
CA ILE A 3 12.25 1.86 -5.19
C ILE A 3 12.11 1.12 -3.87
N ASP A 4 11.08 0.31 -3.78
CA ASP A 4 10.71 -0.36 -2.53
C ASP A 4 10.80 -1.86 -2.75
N TYR A 5 11.70 -2.54 -2.04
CA TYR A 5 11.74 -4.01 -2.01
C TYR A 5 11.05 -4.53 -0.75
N ARG A 6 10.28 -5.59 -0.87
CA ARG A 6 9.62 -6.15 0.31
C ARG A 6 9.58 -7.66 0.20
N HIS A 7 9.83 -8.33 1.33
CA HIS A 7 9.68 -9.76 1.44
C HIS A 7 8.56 -10.09 2.43
N GLU A 8 7.71 -11.06 2.06
CA GLU A 8 6.52 -11.40 2.84
C GLU A 8 6.44 -12.88 3.11
N MET A 9 6.11 -13.22 4.35
CA MET A 9 5.88 -14.62 4.70
C MET A 9 4.70 -14.72 5.65
N GLN A 10 4.08 -15.89 5.67
CA GLN A 10 2.90 -16.16 6.49
C GLN A 10 3.13 -17.32 7.47
N ASP A 11 2.09 -17.67 8.21
CA ASP A 11 2.06 -18.85 9.09
C ASP A 11 3.20 -18.81 10.11
N GLY A 16 4.40 -20.18 1.22
CA GLY A 16 5.85 -20.05 1.14
C GLY A 16 6.35 -18.64 1.39
N HIS A 17 6.33 -17.81 0.36
CA HIS A 17 6.85 -16.45 0.46
C HIS A 17 6.49 -15.65 -0.79
N LYS A 18 6.40 -14.33 -0.64
CA LYS A 18 6.24 -13.40 -1.75
C LYS A 18 7.32 -12.35 -1.71
N ASP A 19 7.72 -11.88 -2.89
CA ASP A 19 8.66 -10.77 -3.04
C ASP A 19 8.05 -9.74 -3.99
N ARG A 20 8.41 -8.48 -3.81
CA ARG A 20 8.02 -7.45 -4.74
C ARG A 20 9.08 -6.38 -4.86
N LEU A 21 9.07 -5.71 -6.01
CA LEU A 21 9.85 -4.49 -6.22
C LEU A 21 8.90 -3.44 -6.78
N LEU A 22 8.67 -2.38 -6.01
CA LEU A 22 7.71 -1.35 -6.40
C LEU A 22 8.45 -0.05 -6.66
N ILE A 23 8.28 0.47 -7.87
CA ILE A 23 8.92 1.70 -8.29
C ILE A 23 7.83 2.76 -8.47
N SER A 24 8.00 3.92 -7.86
CA SER A 24 6.97 4.94 -7.97
C SER A 24 7.46 6.36 -7.89
N HIS A 25 6.60 7.25 -8.33
CA HIS A 25 6.88 8.66 -8.26
C HIS A 25 5.58 9.47 -8.17
N ARG A 26 5.60 10.50 -7.33
CA ARG A 26 4.54 11.48 -7.22
C ARG A 26 5.07 12.83 -7.67
N PHE A 27 4.47 13.39 -8.71
CA PHE A 27 4.92 14.65 -9.26
C PHE A 27 4.37 15.76 -8.37
N ALA A 28 4.97 16.94 -8.45
CA ALA A 28 4.53 18.08 -7.67
C ALA A 28 3.11 18.52 -8.02
N ASN A 29 2.69 18.24 -9.27
CA ASN A 29 1.32 18.56 -9.71
C ASN A 29 0.25 17.61 -9.14
N GLY A 30 0.67 16.58 -8.41
CA GLY A 30 -0.28 15.65 -7.83
C GLY A 30 -0.47 14.37 -8.62
N PHE A 31 -0.02 14.33 -9.89
CA PHE A 31 -0.04 13.07 -10.66
C PHE A 31 0.99 12.10 -10.11
N GLY A 32 0.62 10.81 -10.08
CA GLY A 32 1.52 9.76 -9.61
C GLY A 32 1.41 8.50 -10.45
N LEU A 33 2.47 7.72 -10.46
CA LEU A 33 2.53 6.55 -11.29
C LEU A 33 3.40 5.54 -10.57
N SER A 34 3.06 4.27 -10.65
CA SER A 34 3.95 3.25 -10.12
C SER A 34 3.84 1.97 -10.94
N SER A 35 4.89 1.18 -10.87
CA SER A 35 4.96 -0.11 -11.51
C SER A 35 5.55 -1.10 -10.50
N GLU A 36 4.95 -2.28 -10.40
CA GLU A 36 5.35 -3.26 -9.40
C GLU A 36 5.52 -4.62 -10.03
N VAL A 37 6.69 -5.21 -9.85
CA VAL A 37 6.93 -6.59 -10.22
C VAL A 37 6.81 -7.44 -8.97
N LYS A 38 6.17 -8.60 -9.10
CA LYS A 38 5.85 -9.44 -7.94
C LYS A 38 6.16 -10.86 -8.31
N TRP A 39 6.67 -11.62 -7.35
CA TRP A 39 6.92 -13.02 -7.53
C TRP A 39 6.72 -13.79 -6.22
N ALA A 40 6.24 -15.02 -6.32
CA ALA A 40 5.84 -15.78 -5.14
C ALA A 40 6.01 -17.26 -5.35
N GLN A 41 6.17 -17.98 -4.24
CA GLN A 41 6.21 -19.45 -4.23
C GLN A 41 5.41 -19.99 -3.06
N SER A 42 4.91 -21.22 -3.19
CA SER A 42 4.34 -21.96 -2.05
C SER A 42 5.19 -23.19 -1.76
N VAL A 56 4.84 -21.67 -8.06
CA VAL A 56 5.56 -20.48 -8.49
C VAL A 56 4.63 -19.55 -9.29
N SER A 57 4.84 -18.24 -9.13
CA SER A 57 3.99 -17.23 -9.77
C SER A 57 4.70 -15.89 -9.98
N ASN A 58 4.12 -15.07 -10.84
CA ASN A 58 4.62 -13.72 -11.06
C ASN A 58 3.52 -12.80 -11.56
N GLY A 59 3.75 -11.51 -11.47
CA GLY A 59 2.79 -10.53 -11.94
C GLY A 59 3.36 -9.14 -11.99
N THR A 60 2.66 -8.27 -12.69
CA THR A 60 3.06 -6.89 -12.86
C THR A 60 1.85 -6.00 -12.68
N GLU A 61 1.93 -5.06 -11.75
CA GLU A 61 0.85 -4.09 -11.57
C GLU A 61 1.36 -2.71 -11.88
N VAL A 62 0.53 -1.93 -12.55
CA VAL A 62 0.78 -0.51 -12.79
C VAL A 62 -0.37 0.30 -12.22
N VAL A 63 -0.03 1.43 -11.60
CA VAL A 63 -1.02 2.32 -10.96
C VAL A 63 -0.84 3.77 -11.44
N ALA A 64 -1.93 4.42 -11.86
CA ALA A 64 -1.90 5.86 -12.06
C ALA A 64 -2.94 6.52 -11.16
N SER A 65 -2.60 7.69 -10.63
CA SER A 65 -3.50 8.44 -9.75
C SER A 65 -3.20 9.96 -9.72
N TYR A 66 -4.11 10.70 -9.11
CA TYR A 66 -3.97 12.14 -8.87
C TYR A 66 -4.40 12.41 -7.43
N VAL A 67 -3.54 13.05 -6.64
CA VAL A 67 -3.91 13.54 -5.33
C VAL A 67 -4.37 14.98 -5.55
N TYR A 68 -5.65 15.24 -5.30
CA TYR A 68 -6.15 16.61 -5.27
C TYR A 68 -6.25 17.06 -3.82
N LYS A 69 -5.56 18.15 -3.49
CA LYS A 69 -5.58 18.68 -2.12
C LYS A 69 -6.49 19.88 -2.04
N PHE A 70 -7.47 19.85 -1.13
CA PHE A 70 -8.38 20.99 -0.97
C PHE A 70 -7.72 22.04 -0.11
N ASN A 71 -6.85 21.56 0.79
CA ASN A 71 -6.18 22.38 1.79
C ASN A 71 -5.17 21.48 2.49
N SER A 72 -4.58 21.93 3.59
CA SER A 72 -3.55 21.13 4.29
C SER A 72 -4.12 19.97 5.11
N VAL A 73 -5.43 19.92 5.24
CA VAL A 73 -6.05 18.89 6.05
C VAL A 73 -6.54 17.80 5.13
N PHE A 74 -7.41 18.14 4.17
CA PHE A 74 -8.08 17.14 3.32
C PHE A 74 -7.59 17.06 1.87
N SER A 75 -7.52 15.83 1.36
CA SER A 75 -7.25 15.57 -0.05
C SER A 75 -8.09 14.37 -0.54
N ILE A 76 -8.23 14.24 -1.85
CA ILE A 76 -8.79 13.03 -2.45
C ILE A 76 -7.95 12.49 -3.60
N GLU A 77 -7.89 11.17 -3.68
CA GLU A 77 -7.04 10.52 -4.64
C GLU A 77 -7.77 9.44 -5.40
N PRO A 78 -8.29 9.78 -6.60
CA PRO A 78 -8.75 8.75 -7.51
C PRO A 78 -7.60 7.98 -8.16
N GLY A 79 -7.74 6.66 -8.27
CA GLY A 79 -6.68 5.85 -8.83
C GLY A 79 -7.21 4.80 -9.78
N PHE A 80 -6.33 4.36 -10.67
CA PHE A 80 -6.60 3.38 -11.68
C PHE A 80 -5.47 2.34 -11.64
N SER A 81 -5.79 1.05 -11.57
CA SER A 81 -4.74 0.03 -11.66
C SER A 81 -5.14 -1.20 -12.46
N LEU A 82 -4.17 -1.76 -13.17
CA LEU A 82 -4.29 -3.02 -13.89
C LEU A 82 -3.16 -3.91 -13.44
N GLU A 83 -3.47 -5.19 -13.24
CA GLU A 83 -2.46 -6.19 -12.94
C GLU A 83 -2.54 -7.31 -13.95
N SER A 84 -1.36 -7.76 -14.39
CA SER A 84 -1.22 -8.88 -15.28
C SER A 84 -0.23 -9.85 -14.64
N GLY A 85 -0.60 -11.13 -14.58
CA GLY A 85 0.26 -12.15 -13.97
C GLY A 85 -0.05 -13.55 -14.43
N SER A 86 0.74 -14.52 -13.96
CA SER A 86 0.59 -15.91 -14.36
C SER A 86 -0.70 -16.49 -13.78
N SER A 87 -1.00 -16.15 -12.53
CA SER A 87 -2.18 -16.66 -11.86
C SER A 87 -3.44 -15.96 -12.37
N ASN A 88 -3.46 -14.63 -12.24
CA ASN A 88 -4.62 -13.83 -12.62
C ASN A 88 -4.27 -12.45 -13.15
N ASN A 89 -5.27 -11.82 -13.73
CA ASN A 89 -5.25 -10.40 -14.04
C ASN A 89 -6.43 -9.76 -13.32
N ASN A 90 -6.26 -8.54 -12.84
CA ASN A 90 -7.41 -7.77 -12.35
C ASN A 90 -7.29 -6.26 -12.49
N TYR A 91 -8.46 -5.64 -12.51
CA TYR A 91 -8.59 -4.20 -12.64
C TYR A 91 -9.14 -3.69 -11.32
N ARG A 92 -8.43 -2.73 -10.73
CA ARG A 92 -8.71 -2.28 -9.37
C ARG A 92 -8.62 -0.76 -9.23
N PRO A 93 -9.65 -0.04 -9.71
CA PRO A 93 -9.66 1.41 -9.50
C PRO A 93 -9.94 1.74 -8.02
N TYR A 94 -9.59 2.96 -7.59
CA TYR A 94 -9.85 3.31 -6.19
C TYR A 94 -10.10 4.79 -5.93
N LEU A 95 -10.52 5.08 -4.72
CA LEU A 95 -10.70 6.45 -4.28
C LEU A 95 -10.28 6.51 -2.84
N ARG A 96 -9.21 7.24 -2.56
CA ARG A 96 -8.70 7.39 -1.20
C ARG A 96 -8.91 8.82 -0.72
N GLY A 97 -9.61 8.97 0.39
CA GLY A 97 -9.69 10.25 1.08
C GLY A 97 -8.65 10.24 2.17
N ARG A 98 -8.10 11.42 2.47
CA ARG A 98 -7.11 11.53 3.54
C ARG A 98 -7.34 12.80 4.34
N ALA A 99 -7.21 12.70 5.67
CA ALA A 99 -7.29 13.85 6.56
C ALA A 99 -6.03 13.91 7.47
N ASN A 100 -5.23 14.96 7.32
CA ASN A 100 -4.12 15.27 8.25
C ASN A 100 -4.62 15.98 9.49
N VAL A 101 -4.85 15.23 10.56
CA VAL A 101 -5.45 15.81 11.75
C VAL A 101 -4.43 16.68 12.50
N THR A 102 -3.17 16.28 12.50
CA THR A 102 -2.09 17.16 12.95
C THR A 102 -0.92 17.01 11.95
N ASP A 103 0.21 17.66 12.25
CA ASP A 103 1.44 17.48 11.46
C ASP A 103 1.95 16.06 11.57
N ASP A 104 1.75 15.43 12.73
CA ASP A 104 2.28 14.10 12.98
C ASP A 104 1.27 12.98 12.75
N LEU A 105 0.00 13.33 12.57
CA LEU A 105 -1.08 12.34 12.60
C LEU A 105 -2.04 12.47 11.42
N SER A 106 -2.12 11.42 10.61
CA SER A 106 -3.02 11.40 9.46
C SER A 106 -3.86 10.13 9.44
N VAL A 107 -5.06 10.26 8.91
CA VAL A 107 -5.96 9.14 8.69
C VAL A 107 -6.42 9.13 7.24
N ALA A 108 -6.76 7.95 6.73
CA ALA A 108 -7.26 7.83 5.37
C ALA A 108 -8.25 6.67 5.23
N LEU A 109 -9.10 6.76 4.22
CA LEU A 109 -10.07 5.73 3.88
C LEU A 109 -10.07 5.52 2.36
N ARG A 110 -9.91 4.28 1.92
CA ARG A 110 -9.90 3.94 0.49
C ARG A 110 -10.98 2.90 0.19
N TYR A 111 -11.78 3.18 -0.84
CA TYR A 111 -12.66 2.18 -1.45
C TYR A 111 -11.97 1.66 -2.73
N ARG A 112 -11.80 0.34 -2.85
CA ARG A 112 -11.13 -0.24 -4.00
C ARG A 112 -11.84 -1.50 -4.55
N PRO A 113 -12.79 -1.32 -5.49
CA PRO A 113 -13.33 -2.51 -6.14
C PRO A 113 -12.27 -3.32 -6.92
N TYR A 114 -12.56 -4.59 -7.20
CA TYR A 114 -11.67 -5.41 -8.01
C TYR A 114 -12.49 -6.22 -8.98
N PHE A 115 -11.97 -6.38 -10.19
CA PHE A 115 -12.61 -7.19 -11.23
C PHE A 115 -11.50 -8.11 -11.74
N LYS A 116 -11.62 -9.42 -11.50
CA LYS A 116 -10.50 -10.36 -11.71
C LYS A 116 -10.82 -11.62 -12.54
N ARG A 117 -9.89 -11.95 -13.44
CA ARG A 117 -9.96 -13.19 -14.23
C ARG A 117 -9.21 -14.32 -13.52
N LYS A 130 -14.92 -10.69 -8.68
CA LYS A 130 -15.56 -9.40 -8.39
C LYS A 130 -15.82 -9.14 -6.90
N GLY A 131 -15.42 -7.97 -6.42
CA GLY A 131 -15.67 -7.57 -5.03
C GLY A 131 -15.06 -6.22 -4.73
N TYR A 132 -14.80 -5.96 -3.47
CA TYR A 132 -14.15 -4.70 -3.12
C TYR A 132 -13.46 -4.81 -1.79
N THR A 133 -12.45 -3.97 -1.60
CA THR A 133 -11.87 -3.77 -0.32
C THR A 133 -12.17 -2.35 0.16
N LEU A 134 -12.29 -2.22 1.48
CA LEU A 134 -12.38 -0.96 2.19
C LEU A 134 -11.26 -0.93 3.24
N THR A 135 -10.40 0.07 3.14
CA THR A 135 -9.17 0.12 3.88
C THR A 135 -9.07 1.45 4.65
N GLY A 136 -9.05 1.35 5.97
CA GLY A 136 -8.74 2.47 6.86
C GLY A 136 -7.31 2.42 7.39
N ASN A 137 -6.68 3.61 7.44
CA ASN A 137 -5.30 3.78 7.91
C ASN A 137 -5.19 4.92 8.94
N ILE A 138 -4.39 4.68 9.97
CA ILE A 138 -4.00 5.74 10.91
C ILE A 138 -2.48 5.72 11.03
N ASP A 139 -1.82 6.84 10.74
CA ASP A 139 -0.35 6.90 10.69
C ASP A 139 0.16 7.98 11.60
N TYR A 140 1.08 7.62 12.49
CA TYR A 140 1.60 8.53 13.48
C TYR A 140 3.13 8.58 13.43
N THR A 141 3.66 9.76 13.15
CA THR A 141 5.12 9.97 13.09
C THR A 141 5.65 10.43 14.44
N PHE A 142 6.67 9.76 14.96
CA PHE A 142 7.26 10.19 16.23
C PHE A 142 8.78 10.21 16.16
N LEU A 143 9.41 10.96 17.06
CA LEU A 143 10.86 11.12 17.11
C LEU A 143 11.48 11.49 15.74
N LYS A 144 10.78 12.36 15.01
CA LYS A 144 11.20 12.81 13.67
C LYS A 144 11.07 11.74 12.59
N ASP A 145 11.72 10.59 12.83
CA ASP A 145 12.05 9.62 11.77
C ASP A 145 11.24 8.33 11.79
N TYR A 146 10.47 8.08 12.86
CA TYR A 146 9.67 6.86 12.98
C TYR A 146 8.22 7.14 12.60
N THR A 147 7.57 6.16 11.98
CA THR A 147 6.12 6.18 11.77
C THR A 147 5.55 4.82 12.17
N ILE A 148 4.52 4.84 13.01
CA ILE A 148 3.74 3.65 13.33
C ILE A 148 2.40 3.80 12.61
N GLY A 149 2.00 2.77 11.87
CA GLY A 149 0.73 2.77 11.16
C GLY A 149 -0.16 1.64 11.62
N TYR A 150 -1.44 1.93 11.81
CA TYR A 150 -2.44 0.87 11.95
C TYR A 150 -3.26 0.85 10.66
N GLU A 151 -3.54 -0.35 10.18
CA GLU A 151 -4.39 -0.53 9.03
C GLU A 151 -5.42 -1.60 9.31
N LEU A 152 -6.66 -1.28 8.96
CA LEU A 152 -7.77 -2.19 9.00
C LEU A 152 -8.33 -2.26 7.58
N GLU A 153 -8.43 -3.47 7.06
CA GLU A 153 -8.93 -3.72 5.73
C GLU A 153 -10.03 -4.79 5.71
N TYR A 154 -11.14 -4.47 5.04
CA TYR A 154 -12.22 -5.43 4.85
C TYR A 154 -12.26 -5.79 3.39
N LYS A 155 -12.29 -7.08 3.10
CA LYS A 155 -12.47 -7.55 1.74
C LYS A 155 -13.76 -8.34 1.64
N LYS A 156 -14.60 -7.95 0.67
CA LYS A 156 -15.84 -8.64 0.38
C LYS A 156 -15.90 -8.95 -1.09
N GLY A 157 -16.10 -10.23 -1.41
CA GLY A 157 -16.32 -10.67 -2.78
C GLY A 157 -17.79 -10.70 -3.17
N THR A 158 -18.04 -10.69 -4.47
CA THR A 158 -19.40 -10.75 -5.03
C THR A 158 -19.44 -11.76 -6.19
N SER A 159 -20.19 -12.83 -6.03
CA SER A 159 -20.31 -13.86 -7.06
C SER A 159 -21.62 -14.64 -6.94
N TYR A 170 -16.79 -11.97 4.15
CA TYR A 170 -15.82 -10.95 4.55
C TYR A 170 -14.48 -11.56 4.99
N ASP A 171 -13.38 -10.90 4.63
CA ASP A 171 -12.11 -11.10 5.31
C ASP A 171 -11.75 -9.78 5.96
N ILE A 172 -11.17 -9.87 7.15
CA ILE A 172 -10.74 -8.72 7.91
C ILE A 172 -9.23 -8.84 8.14
N THR A 173 -8.53 -7.75 7.89
CA THR A 173 -7.10 -7.66 8.14
C THR A 173 -6.83 -6.58 9.17
N HIS A 174 -6.01 -6.93 10.17
CA HIS A 174 -5.45 -5.95 11.08
C HIS A 174 -3.95 -5.96 10.87
N ASN A 175 -3.40 -4.83 10.44
CA ASN A 175 -1.99 -4.74 10.11
C ASN A 175 -1.30 -3.59 10.85
N VAL A 176 -0.08 -3.83 11.35
CA VAL A 176 0.70 -2.81 12.04
C VAL A 176 2.01 -2.67 11.32
N LYS A 177 2.33 -1.43 10.94
CA LYS A 177 3.57 -1.14 10.24
C LYS A 177 4.43 -0.19 11.04
N LEU A 178 5.72 -0.50 11.17
CA LEU A 178 6.70 0.40 11.76
C LEU A 178 7.79 0.66 10.75
N SER A 179 8.05 1.92 10.47
CA SER A 179 9.08 2.27 9.50
C SER A 179 9.99 3.29 10.13
N TYR A 180 11.23 3.33 9.67
CA TYR A 180 12.22 4.25 10.18
C TYR A 180 13.03 4.89 9.05
N LYS A 181 13.02 6.22 9.02
CA LYS A 181 13.82 7.00 8.08
C LYS A 181 15.26 7.02 8.54
N TRP A 182 16.03 6.04 8.09
CA TRP A 182 17.42 5.88 8.49
C TRP A 182 18.29 7.06 8.02
N ASP A 183 18.21 7.42 6.74
CA ASP A 183 18.70 8.72 6.30
C ASP A 183 17.82 9.22 5.17
N LYS A 184 18.27 10.25 4.45
CA LYS A 184 17.43 10.85 3.41
C LYS A 184 17.08 9.89 2.26
N ASN A 185 17.83 8.79 2.11
CA ASN A 185 17.57 7.81 1.02
C ASN A 185 16.91 6.51 1.43
N TRP A 186 17.10 6.08 2.68
CA TRP A 186 16.75 4.71 3.08
C TRP A 186 15.74 4.71 4.20
N LYS A 187 14.67 3.94 4.00
CA LYS A 187 13.64 3.73 4.99
C LYS A 187 13.27 2.25 5.12
N PRO A 188 13.95 1.51 6.02
CA PRO A 188 13.55 0.16 6.31
C PRO A 188 12.24 0.07 7.09
N TYR A 189 11.54 -1.04 6.97
CA TYR A 189 10.30 -1.18 7.69
C TYR A 189 9.90 -2.61 7.91
N VAL A 190 8.99 -2.79 8.85
CA VAL A 190 8.50 -4.09 9.18
C VAL A 190 6.99 -3.95 9.40
N GLU A 191 6.26 -5.00 9.08
CA GLU A 191 4.82 -5.04 9.33
C GLU A 191 4.45 -6.41 9.81
N VAL A 192 3.50 -6.47 10.75
CA VAL A 192 2.95 -7.71 11.25
C VAL A 192 1.43 -7.54 11.22
N GLY A 193 0.74 -8.52 10.64
CA GLY A 193 -0.72 -8.46 10.52
C GLY A 193 -1.38 -9.79 10.68
N ASN A 194 -2.65 -9.79 11.06
CA ASN A 194 -3.47 -10.97 11.04
C ASN A 194 -4.47 -10.91 9.89
N VAL A 195 -4.83 -12.06 9.36
CA VAL A 195 -5.84 -12.18 8.30
C VAL A 195 -6.78 -13.32 8.68
N SER A 196 -8.09 -13.06 8.66
CA SER A 196 -9.07 -14.11 8.98
C SER A 196 -10.47 -13.86 8.38
N ARG A 204 -6.17 -15.38 12.72
CA ARG A 204 -6.13 -16.79 12.35
C ARG A 204 -4.74 -17.14 11.80
N GLN A 205 -4.33 -16.46 10.73
CA GLN A 205 -2.98 -16.59 10.18
C GLN A 205 -2.23 -15.27 10.34
N THR A 206 -0.92 -15.35 10.57
CA THR A 206 -0.10 -14.16 10.76
C THR A 206 0.74 -13.95 9.51
N ARG A 207 0.83 -12.70 9.06
CA ARG A 207 1.55 -12.31 7.84
C ARG A 207 2.67 -11.36 8.22
N TYR A 208 3.89 -11.69 7.84
CA TYR A 208 5.05 -10.86 8.18
C TYR A 208 5.68 -10.26 6.94
N ARG A 209 6.00 -8.97 7.02
CA ARG A 209 6.69 -8.32 5.92
C ARG A 209 7.90 -7.57 6.42
N VAL A 210 9.01 -7.65 5.69
CA VAL A 210 10.11 -6.73 5.92
C VAL A 210 10.47 -6.16 4.58
N GLY A 211 10.79 -4.88 4.54
CA GLY A 211 11.17 -4.26 3.29
C GLY A 211 12.05 -3.07 3.53
N VAL A 212 12.44 -2.45 2.45
CA VAL A 212 13.11 -1.17 2.51
C VAL A 212 12.72 -0.33 1.31
N GLN A 213 12.54 0.97 1.56
CA GLN A 213 12.31 1.95 0.51
C GLN A 213 13.56 2.80 0.27
N TYR A 214 14.00 2.82 -0.98
CA TYR A 214 15.07 3.74 -1.41
C TYR A 214 14.49 4.97 -2.13
N SER A 215 14.79 6.17 -1.63
CA SER A 215 14.37 7.42 -2.27
C SER A 215 15.52 8.12 -2.97
N PHE A 216 15.28 8.54 -4.21
CA PHE A 216 16.30 9.21 -5.01
C PHE A 216 16.41 10.68 -4.65
N HIS A 217 17.66 11.16 -4.63
CA HIS A 217 18.00 12.56 -4.46
C HIS A 217 19.26 12.89 -5.28
#